data_6BC2
#
_entry.id   6BC2
#
_cell.length_a   84.409
_cell.length_b   86.866
_cell.length_c   50.313
_cell.angle_alpha   90.00
_cell.angle_beta   119.82
_cell.angle_gamma   90.00
#
_symmetry.space_group_name_H-M   'C 1 2 1'
#
loop_
_entity.id
_entity.type
_entity.pdbx_description
1 polymer 'AAC 3-VI protein'
2 non-polymer acetylsisomicin
3 non-polymer 'MAGNESIUM ION'
4 water water
#
_entity_poly.entity_id   1
_entity_poly.type   'polypeptide(L)'
_entity_poly.pdbx_seq_one_letter_code
;GSHMTDPRKNGDLHEPATAPATPWSKSELVRQLRDLGVRSGDMVMPHVSLRAVGPLADGPQTLVDALIEAVGPTGNILAF
VSWRDSPYEQTLGHDAPPAAIAQSWPAFDPDHAPAYPGFGAINEFIRTYPGCRRTAHPDASMAAIGPDAAWLVAPHEMGA
AYGPRSPIARFLAHAGKILSIGAGPDAVTALHYAEAVARIEGKRRVTYSMPLLREGKRVWVTTSDWDSNGILDEYAAPDG
PDAVERIARDYLARTRVAQGPVGGAQSRLIDAADIVSFGIEWLEARHAAPAAAALKPKQRRD
;
_entity_poly.pdbx_strand_id   A
#
loop_
_chem_comp.id
_chem_comp.type
_chem_comp.name
_chem_comp.formula
DVM non-polymer acetylsisomicin 'C21 H39 N5 O8'
MG non-polymer 'MAGNESIUM ION' 'Mg 2'
#
# COMPACT_ATOMS: atom_id res chain seq x y z
N THR A 22 27.17 14.50 -2.04
CA THR A 22 27.35 13.27 -2.80
C THR A 22 26.22 12.27 -2.49
N PRO A 23 25.88 11.43 -3.46
CA PRO A 23 24.68 10.58 -3.32
C PRO A 23 24.77 9.68 -2.11
N TRP A 24 23.61 9.40 -1.51
CA TRP A 24 23.56 8.56 -0.33
C TRP A 24 23.94 7.12 -0.64
N SER A 25 24.72 6.53 0.25
CA SER A 25 25.17 5.15 0.17
C SER A 25 24.21 4.24 0.95
N LYS A 26 24.31 2.94 0.68
CA LYS A 26 23.49 1.96 1.38
C LYS A 26 23.72 2.02 2.89
N SER A 27 24.97 1.95 3.34
CA SER A 27 25.24 1.92 4.77
C SER A 27 24.78 3.20 5.45
N GLU A 28 24.87 4.34 4.77
CA GLU A 28 24.34 5.58 5.33
C GLU A 28 22.84 5.48 5.57
N LEU A 29 22.11 4.94 4.59
CA LEU A 29 20.68 4.78 4.74
C LEU A 29 20.34 3.79 5.85
N VAL A 30 21.10 2.69 5.95
CA VAL A 30 20.86 1.73 7.01
C VAL A 30 21.02 2.40 8.37
N ARG A 31 22.03 3.24 8.52
CA ARG A 31 22.24 3.93 9.79
C ARG A 31 21.04 4.82 10.11
N GLN A 32 20.54 5.55 9.10
CA GLN A 32 19.38 6.42 9.31
C GLN A 32 18.13 5.62 9.68
N LEU A 33 17.96 4.44 9.06
CA LEU A 33 16.82 3.59 9.38
C LEU A 33 16.91 3.02 10.79
N ARG A 34 18.10 2.62 11.22
CA ARG A 34 18.29 2.20 12.61
C ARG A 34 17.95 3.31 13.59
N ASP A 35 18.46 4.52 13.34
CA ASP A 35 18.13 5.67 14.19
C ASP A 35 16.62 5.87 14.28
N LEU A 36 15.92 5.69 13.17
CA LEU A 36 14.47 5.87 13.14
C LEU A 36 13.71 4.82 13.95
N GLY A 37 14.29 3.65 14.17
CA GLY A 37 13.63 2.64 14.97
C GLY A 37 13.34 1.33 14.26
N VAL A 38 13.86 1.19 13.03
CA VAL A 38 13.75 -0.08 12.33
C VAL A 38 14.68 -1.08 12.98
N ARG A 39 14.15 -2.27 13.29
CA ARG A 39 14.90 -3.29 14.00
C ARG A 39 14.96 -4.56 13.16
N SER A 40 15.95 -5.39 13.44
CA SER A 40 16.05 -6.70 12.80
C SER A 40 14.85 -7.55 13.21
N GLY A 41 14.10 -8.04 12.21
CA GLY A 41 12.88 -8.77 12.45
C GLY A 41 11.61 -7.99 12.18
N ASP A 42 11.71 -6.67 11.98
CA ASP A 42 10.53 -5.84 11.78
C ASP A 42 9.85 -6.14 10.45
N MET A 43 8.55 -5.90 10.41
CA MET A 43 7.75 -5.93 9.18
C MET A 43 7.35 -4.50 8.83
N VAL A 44 7.84 -4.02 7.69
CA VAL A 44 7.79 -2.61 7.34
C VAL A 44 7.05 -2.44 6.01
N MET A 45 6.20 -1.42 5.94
CA MET A 45 5.51 -1.01 4.71
C MET A 45 6.02 0.38 4.34
N PRO A 46 6.84 0.51 3.31
CA PRO A 46 7.35 1.83 2.96
C PRO A 46 6.46 2.62 2.01
N HIS A 47 6.49 3.94 2.21
CA HIS A 47 5.91 4.90 1.28
C HIS A 47 6.98 5.96 1.05
N VAL A 48 7.43 6.11 -0.18
CA VAL A 48 8.67 6.83 -0.47
C VAL A 48 8.43 7.86 -1.56
N SER A 49 8.90 9.09 -1.33
CA SER A 49 9.09 10.08 -2.39
C SER A 49 10.59 10.12 -2.71
N LEU A 50 10.96 9.58 -3.88
CA LEU A 50 12.36 9.58 -4.27
C LEU A 50 12.89 10.98 -4.55
N ARG A 51 12.04 11.91 -4.98
CA ARG A 51 12.52 13.26 -5.17
C ARG A 51 12.96 13.90 -3.85
N ALA A 52 12.22 13.64 -2.76
CA ALA A 52 12.63 14.15 -1.45
C ALA A 52 13.94 13.52 -0.99
N VAL A 53 14.11 12.22 -1.24
CA VAL A 53 15.31 11.53 -0.79
C VAL A 53 16.54 12.10 -1.49
N GLY A 54 16.41 12.41 -2.78
CA GLY A 54 17.54 12.95 -3.51
C GLY A 54 18.41 11.84 -4.12
N PRO A 55 19.47 12.23 -4.82
CA PRO A 55 20.24 11.26 -5.61
C PRO A 55 20.86 10.17 -4.75
N LEU A 56 20.81 8.93 -5.23
CA LEU A 56 21.28 7.75 -4.52
C LEU A 56 22.42 7.14 -5.32
N ALA A 57 23.38 6.53 -4.59
CA ALA A 57 24.60 6.00 -5.20
C ALA A 57 24.31 5.15 -6.43
N ASP A 58 23.40 4.20 -6.31
CA ASP A 58 23.02 3.33 -7.42
C ASP A 58 21.53 3.43 -7.69
N GLY A 59 20.98 4.63 -7.55
CA GLY A 59 19.58 4.85 -7.79
C GLY A 59 18.71 4.26 -6.70
N PRO A 60 17.42 4.13 -6.99
CA PRO A 60 16.45 3.68 -5.97
C PRO A 60 16.79 2.34 -5.34
N GLN A 61 17.47 1.44 -6.05
CA GLN A 61 17.84 0.15 -5.50
C GLN A 61 18.64 0.27 -4.20
N THR A 62 19.43 1.34 -4.05
CA THR A 62 20.19 1.52 -2.80
C THR A 62 19.27 1.57 -1.60
N LEU A 63 18.14 2.26 -1.73
CA LEU A 63 17.21 2.35 -0.61
C LEU A 63 16.46 1.03 -0.43
N VAL A 64 16.12 0.35 -1.53
CA VAL A 64 15.53 -0.97 -1.41
C VAL A 64 16.47 -1.89 -0.64
N ASP A 65 17.75 -1.89 -1.03
CA ASP A 65 18.76 -2.69 -0.34
C ASP A 65 18.87 -2.32 1.13
N ALA A 66 18.83 -1.03 1.45
CA ALA A 66 18.95 -0.60 2.85
C ALA A 66 17.76 -1.10 3.67
N LEU A 67 16.55 -1.04 3.10
CA LEU A 67 15.40 -1.53 3.84
C LEU A 67 15.53 -3.02 4.09
N ILE A 68 16.04 -3.76 3.10
CA ILE A 68 16.19 -5.20 3.25
C ILE A 68 17.26 -5.50 4.29
N GLU A 69 18.37 -4.76 4.25
CA GLU A 69 19.39 -4.89 5.28
C GLU A 69 18.86 -4.48 6.65
N ALA A 70 18.08 -3.40 6.70
CA ALA A 70 17.60 -2.89 7.98
C ALA A 70 16.70 -3.88 8.70
N VAL A 71 15.80 -4.54 7.96
CA VAL A 71 14.90 -5.50 8.59
C VAL A 71 15.53 -6.87 8.77
N GLY A 72 16.69 -7.12 8.17
CA GLY A 72 17.41 -8.34 8.40
C GLY A 72 16.74 -9.53 7.74
N PRO A 73 17.37 -10.71 7.85
CA PRO A 73 16.85 -11.89 7.16
C PRO A 73 15.56 -12.43 7.75
N THR A 74 15.24 -12.08 9.00
CA THR A 74 13.96 -12.47 9.60
C THR A 74 12.88 -11.40 9.51
N GLY A 75 13.17 -10.23 8.95
CA GLY A 75 12.16 -9.22 8.75
C GLY A 75 11.47 -9.35 7.41
N ASN A 76 10.56 -8.41 7.14
CA ASN A 76 9.67 -8.52 6.00
C ASN A 76 9.36 -7.13 5.48
N ILE A 77 9.21 -7.02 4.16
CA ILE A 77 8.76 -5.81 3.50
C ILE A 77 7.43 -6.10 2.82
N LEU A 78 6.44 -5.24 3.04
CA LEU A 78 5.18 -5.31 2.32
C LEU A 78 4.96 -3.97 1.64
N ALA A 79 4.64 -4.00 0.35
CA ALA A 79 4.41 -2.78 -0.40
C ALA A 79 3.14 -2.89 -1.23
N PHE A 80 2.40 -1.79 -1.30
CA PHE A 80 1.24 -1.66 -2.18
C PHE A 80 1.74 -1.19 -3.54
N VAL A 81 1.74 -2.09 -4.52
CA VAL A 81 2.35 -1.82 -5.81
C VAL A 81 1.33 -1.67 -6.94
N SER A 82 0.15 -2.29 -6.81
CA SER A 82 -0.93 -2.18 -7.80
C SER A 82 -0.43 -2.70 -9.15
N TRP A 83 -0.89 -2.09 -10.25
CA TRP A 83 -0.59 -2.55 -11.59
C TRP A 83 -0.64 -1.37 -12.55
N ARG A 84 0.43 -1.20 -13.33
CA ARG A 84 0.51 -0.10 -14.30
C ARG A 84 -0.72 -0.04 -15.20
N ASP A 85 -1.21 -1.20 -15.62
CA ASP A 85 -2.26 -1.30 -16.63
C ASP A 85 -3.57 -1.81 -16.05
N SER A 86 -3.85 -1.52 -14.78
CA SER A 86 -5.12 -1.95 -14.18
C SER A 86 -6.29 -1.33 -14.92
N PRO A 87 -7.30 -2.12 -15.33
CA PRO A 87 -8.47 -1.58 -16.03
C PRO A 87 -9.55 -1.04 -15.09
N TYR A 88 -9.12 -0.20 -14.14
CA TYR A 88 -10.02 0.28 -13.11
C TYR A 88 -11.06 1.25 -13.67
N GLU A 89 -10.59 2.40 -14.20
CA GLU A 89 -11.48 3.41 -14.75
C GLU A 89 -12.29 2.86 -15.94
N GLN A 90 -11.69 1.94 -16.70
CA GLN A 90 -12.33 1.38 -17.90
C GLN A 90 -13.52 0.48 -17.60
N THR A 91 -13.65 -0.03 -16.37
CA THR A 91 -14.76 -0.90 -16.03
C THR A 91 -15.63 -0.37 -14.91
N LEU A 92 -15.23 0.72 -14.27
CA LEU A 92 -15.96 1.27 -13.14
C LEU A 92 -17.42 1.52 -13.49
N GLY A 93 -18.32 1.12 -12.58
CA GLY A 93 -19.74 1.36 -12.74
C GLY A 93 -20.46 0.50 -13.75
N HIS A 94 -19.83 -0.56 -14.26
CA HIS A 94 -20.50 -1.48 -15.16
C HIS A 94 -20.66 -2.84 -14.50
N ASP A 95 -21.70 -3.58 -14.90
CA ASP A 95 -21.88 -4.92 -14.37
C ASP A 95 -21.04 -5.95 -15.10
N ALA A 96 -20.26 -5.52 -16.08
CA ALA A 96 -19.41 -6.38 -16.90
C ALA A 96 -18.41 -5.47 -17.60
N PRO A 97 -17.22 -5.96 -17.91
CA PRO A 97 -16.29 -5.15 -18.68
C PRO A 97 -16.91 -4.76 -20.01
N PRO A 98 -16.80 -3.50 -20.42
CA PRO A 98 -17.19 -3.13 -21.79
C PRO A 98 -16.52 -4.01 -22.82
N ALA A 99 -17.23 -4.26 -23.92
CA ALA A 99 -16.81 -5.29 -24.88
C ALA A 99 -15.40 -5.05 -25.34
N ALA A 100 -15.07 -3.79 -25.68
CA ALA A 100 -13.76 -3.51 -26.23
C ALA A 100 -12.67 -3.72 -25.19
N ILE A 101 -12.97 -3.42 -23.92
CA ILE A 101 -12.04 -3.74 -22.84
C ILE A 101 -11.94 -5.25 -22.64
N ALA A 102 -13.09 -5.92 -22.53
CA ALA A 102 -13.14 -7.35 -22.28
C ALA A 102 -12.38 -8.15 -23.33
N GLN A 103 -12.45 -7.71 -24.59
CA GLN A 103 -11.91 -8.51 -25.69
C GLN A 103 -10.40 -8.42 -25.85
N SER A 104 -9.74 -7.42 -25.26
CA SER A 104 -8.31 -7.30 -25.53
C SER A 104 -7.42 -7.00 -24.33
N TRP A 105 -7.96 -6.75 -23.15
CA TRP A 105 -7.11 -6.34 -22.04
C TRP A 105 -6.17 -7.49 -21.65
N PRO A 106 -4.93 -7.19 -21.27
CA PRO A 106 -4.03 -8.24 -20.81
C PRO A 106 -4.53 -8.84 -19.50
N ALA A 107 -4.40 -10.16 -19.39
CA ALA A 107 -4.63 -10.82 -18.11
C ALA A 107 -3.56 -10.40 -17.11
N PHE A 108 -3.94 -10.26 -15.85
CA PHE A 108 -2.98 -9.95 -14.81
C PHE A 108 -2.09 -11.16 -14.56
N ASP A 109 -0.79 -11.00 -14.81
CA ASP A 109 0.22 -12.04 -14.67
C ASP A 109 1.19 -11.63 -13.56
N PRO A 110 1.00 -12.10 -12.33
CA PRO A 110 1.66 -11.45 -11.17
C PRO A 110 3.17 -11.35 -11.32
N ASP A 111 3.81 -12.34 -11.96
CA ASP A 111 5.26 -12.32 -12.08
C ASP A 111 5.75 -11.46 -13.26
N HIS A 112 4.84 -10.85 -14.03
CA HIS A 112 5.26 -10.03 -15.15
C HIS A 112 4.62 -8.65 -15.24
N ALA A 113 3.81 -8.24 -14.26
CA ALA A 113 3.06 -7.00 -14.38
C ALA A 113 3.80 -5.87 -13.69
N PRO A 114 4.07 -4.76 -14.40
CA PRO A 114 4.73 -3.62 -13.76
C PRO A 114 3.83 -2.97 -12.71
N ALA A 115 4.47 -2.41 -11.68
CA ALA A 115 3.77 -1.64 -10.67
C ALA A 115 3.15 -0.39 -11.27
N TYR A 116 2.12 0.11 -10.60
CA TYR A 116 1.53 1.39 -10.99
C TYR A 116 2.46 2.54 -10.65
N PRO A 117 2.92 3.31 -11.64
CA PRO A 117 3.96 4.33 -11.38
C PRO A 117 3.53 5.44 -10.44
N GLY A 118 2.24 5.78 -10.39
CA GLY A 118 1.79 6.91 -9.58
C GLY A 118 1.82 6.69 -8.09
N PHE A 119 2.06 5.44 -7.63
CA PHE A 119 2.21 5.14 -6.21
C PHE A 119 3.67 5.02 -5.79
N GLY A 120 4.61 5.46 -6.63
CA GLY A 120 5.99 5.54 -6.23
C GLY A 120 6.88 4.73 -7.16
N ALA A 121 7.91 5.35 -7.76
CA ALA A 121 8.78 4.59 -8.65
C ALA A 121 9.53 3.47 -7.97
N ILE A 122 9.62 3.49 -6.64
CA ILE A 122 10.32 2.45 -5.90
C ILE A 122 9.62 1.10 -5.98
N ASN A 123 8.33 1.06 -6.33
CA ASN A 123 7.59 -0.20 -6.24
C ASN A 123 8.01 -1.18 -7.33
N GLU A 124 8.50 -0.70 -8.48
CA GLU A 124 8.94 -1.63 -9.52
C GLU A 124 10.23 -2.34 -9.12
N PHE A 125 11.06 -1.71 -8.30
CA PHE A 125 12.28 -2.34 -7.81
C PHE A 125 11.97 -3.35 -6.72
N ILE A 126 11.06 -2.99 -5.81
CA ILE A 126 10.60 -3.93 -4.80
C ILE A 126 10.04 -5.19 -5.44
N ARG A 127 9.12 -5.04 -6.40
CA ARG A 127 8.37 -6.20 -6.89
C ARG A 127 9.18 -7.11 -7.80
N THR A 128 10.25 -6.60 -8.41
CA THR A 128 11.16 -7.40 -9.22
C THR A 128 12.33 -7.98 -8.44
N TYR A 129 12.35 -7.79 -7.12
CA TYR A 129 13.42 -8.36 -6.31
C TYR A 129 13.32 -9.88 -6.27
N PRO A 130 14.44 -10.58 -6.41
CA PRO A 130 14.40 -12.06 -6.43
C PRO A 130 13.77 -12.61 -5.16
N GLY A 131 12.78 -13.48 -5.33
CA GLY A 131 12.09 -14.05 -4.19
C GLY A 131 10.86 -13.28 -3.74
N CYS A 132 10.60 -12.11 -4.32
CA CYS A 132 9.39 -11.38 -4.00
C CYS A 132 8.13 -12.14 -4.39
N ARG A 133 7.10 -11.99 -3.57
CA ARG A 133 5.78 -12.55 -3.82
C ARG A 133 4.81 -11.42 -4.16
N ARG A 134 3.75 -11.79 -4.87
CA ARG A 134 2.80 -10.83 -5.44
C ARG A 134 1.40 -11.34 -5.20
N THR A 135 0.52 -10.46 -4.71
CA THR A 135 -0.85 -10.87 -4.43
C THR A 135 -1.66 -10.91 -5.73
N ALA A 136 -2.78 -11.63 -5.67
CA ALA A 136 -3.54 -11.95 -6.86
C ALA A 136 -4.59 -10.90 -7.19
N HIS A 137 -4.75 -9.87 -6.36
CA HIS A 137 -5.68 -8.78 -6.64
C HIS A 137 -5.02 -7.80 -7.60
N PRO A 138 -5.47 -7.72 -8.85
CA PRO A 138 -4.72 -6.94 -9.84
C PRO A 138 -4.66 -5.44 -9.56
N ASP A 139 -5.71 -4.88 -8.97
CA ASP A 139 -5.73 -3.44 -8.68
C ASP A 139 -5.13 -3.11 -7.31
N ALA A 140 -5.31 -3.99 -6.33
CA ALA A 140 -4.83 -3.77 -4.97
C ALA A 140 -3.50 -4.51 -4.71
N SER A 141 -2.81 -4.93 -5.78
CA SER A 141 -1.73 -5.89 -5.67
C SER A 141 -0.68 -5.43 -4.66
N MET A 142 -0.28 -6.35 -3.80
CA MET A 142 0.75 -6.09 -2.81
C MET A 142 1.98 -6.93 -3.14
N ALA A 143 3.15 -6.41 -2.79
CA ALA A 143 4.40 -7.12 -2.96
C ALA A 143 5.04 -7.32 -1.61
N ALA A 144 5.66 -8.49 -1.40
CA ALA A 144 6.26 -8.80 -0.12
C ALA A 144 7.58 -9.52 -0.31
N ILE A 145 8.54 -9.20 0.56
CA ILE A 145 9.86 -9.81 0.58
C ILE A 145 10.14 -10.29 2.00
N GLY A 146 10.52 -11.56 2.13
CA GLY A 146 10.93 -12.09 3.41
C GLY A 146 10.29 -13.44 3.69
N PRO A 147 10.62 -14.03 4.85
CA PRO A 147 10.11 -15.37 5.16
C PRO A 147 8.60 -15.43 5.28
N ASP A 148 7.96 -14.33 5.66
CA ASP A 148 6.51 -14.26 5.81
C ASP A 148 5.81 -13.79 4.55
N ALA A 149 6.54 -13.63 3.43
CA ALA A 149 5.97 -13.03 2.23
C ALA A 149 4.79 -13.83 1.70
N ALA A 150 4.93 -15.16 1.61
CA ALA A 150 3.85 -16.00 1.11
C ALA A 150 2.61 -15.92 2.00
N TRP A 151 2.80 -15.91 3.31
CA TRP A 151 1.66 -15.75 4.23
C TRP A 151 1.03 -14.37 4.09
N LEU A 152 1.84 -13.35 3.82
CA LEU A 152 1.33 -11.99 3.65
C LEU A 152 0.45 -11.86 2.41
N VAL A 153 0.89 -12.43 1.29
CA VAL A 153 0.28 -12.10 0.00
C VAL A 153 -0.96 -12.91 -0.32
N ALA A 154 -1.19 -14.03 0.36
CA ALA A 154 -2.37 -14.84 0.09
C ALA A 154 -3.09 -15.20 1.37
N PRO A 155 -4.43 -15.18 1.37
CA PRO A 155 -5.30 -14.82 0.25
C PRO A 155 -5.37 -13.32 -0.03
N HIS A 156 -5.76 -12.96 -1.26
CA HIS A 156 -6.09 -11.57 -1.62
C HIS A 156 -7.21 -11.66 -2.66
N GLU A 157 -8.43 -11.91 -2.19
CA GLU A 157 -9.56 -12.12 -3.08
C GLU A 157 -10.11 -10.80 -3.60
N MET A 158 -10.65 -10.84 -4.82
CA MET A 158 -11.52 -9.77 -5.30
C MET A 158 -12.67 -9.54 -4.33
N GLY A 159 -12.91 -8.28 -3.98
CA GLY A 159 -13.88 -7.96 -2.95
C GLY A 159 -13.28 -7.75 -1.57
N ALA A 160 -11.98 -7.98 -1.41
CA ALA A 160 -11.28 -7.86 -0.14
C ALA A 160 -9.97 -7.10 -0.34
N ALA A 161 -10.07 -5.92 -0.96
CA ALA A 161 -8.89 -5.17 -1.39
C ALA A 161 -8.05 -4.73 -0.20
N TYR A 162 -8.67 -4.07 0.79
CA TYR A 162 -7.93 -3.49 1.90
C TYR A 162 -8.51 -3.82 3.26
N GLY A 163 -9.61 -4.56 3.34
CA GLY A 163 -10.25 -4.83 4.61
C GLY A 163 -9.83 -6.17 5.16
N PRO A 164 -10.68 -6.77 6.00
CA PRO A 164 -10.42 -8.12 6.51
C PRO A 164 -10.10 -9.10 5.39
N ARG A 165 -9.12 -9.97 5.67
CA ARG A 165 -8.60 -11.03 4.79
C ARG A 165 -7.64 -10.51 3.74
N SER A 166 -7.37 -9.21 3.67
CA SER A 166 -6.39 -8.69 2.75
C SER A 166 -4.99 -8.75 3.35
N PRO A 167 -3.96 -8.59 2.52
CA PRO A 167 -2.60 -8.49 3.08
C PRO A 167 -2.43 -7.33 4.03
N ILE A 168 -3.21 -6.25 3.87
CA ILE A 168 -3.21 -5.15 4.82
C ILE A 168 -3.68 -5.64 6.19
N ALA A 169 -4.73 -6.46 6.22
CA ALA A 169 -5.26 -6.95 7.49
C ALA A 169 -4.25 -7.82 8.22
N ARG A 170 -3.51 -8.64 7.49
CA ARG A 170 -2.55 -9.54 8.13
C ARG A 170 -1.31 -8.78 8.58
N PHE A 171 -0.89 -7.81 7.77
CA PHE A 171 0.15 -6.86 8.16
C PHE A 171 -0.16 -6.23 9.51
N LEU A 172 -1.40 -5.77 9.70
CA LEU A 172 -1.80 -5.12 10.95
C LEU A 172 -1.77 -6.10 12.12
N ALA A 173 -2.01 -7.39 11.85
CA ALA A 173 -1.95 -8.44 12.85
C ALA A 173 -0.54 -8.94 13.10
N HIS A 174 0.47 -8.38 12.45
CA HIS A 174 1.84 -8.86 12.54
C HIS A 174 2.78 -7.72 12.89
N ALA A 175 2.30 -6.81 13.75
CA ALA A 175 3.10 -5.72 14.31
C ALA A 175 3.72 -4.86 13.20
N GLY A 176 2.98 -4.68 12.11
CA GLY A 176 3.50 -3.92 10.99
C GLY A 176 3.82 -2.50 11.39
N LYS A 177 4.88 -1.96 10.80
CA LYS A 177 5.22 -0.55 10.92
C LYS A 177 5.09 0.10 9.55
N ILE A 178 4.51 1.30 9.52
CA ILE A 178 4.37 2.06 8.29
C ILE A 178 5.54 3.04 8.24
N LEU A 179 6.33 2.97 7.17
CA LEU A 179 7.53 3.79 7.04
C LEU A 179 7.31 4.81 5.93
N SER A 180 6.97 6.04 6.33
CA SER A 180 6.76 7.12 5.38
C SER A 180 8.06 7.90 5.22
N ILE A 181 8.58 7.92 4.00
CA ILE A 181 9.91 8.48 3.72
C ILE A 181 9.69 9.67 2.80
N GLY A 182 9.51 10.85 3.40
CA GLY A 182 9.22 12.05 2.66
C GLY A 182 7.85 12.10 2.02
N ALA A 183 7.01 11.11 2.29
CA ALA A 183 5.69 11.04 1.70
C ALA A 183 4.67 11.78 2.57
N GLY A 184 3.60 12.24 1.94
CA GLY A 184 2.59 13.00 2.62
C GLY A 184 1.64 12.13 3.40
N PRO A 185 0.82 12.77 4.24
CA PRO A 185 -0.10 12.02 5.09
C PRO A 185 -1.21 11.32 4.30
N ASP A 186 -1.37 11.66 3.02
CA ASP A 186 -2.31 10.97 2.15
C ASP A 186 -1.83 9.57 1.76
N ALA A 187 -0.53 9.29 1.88
CA ALA A 187 0.02 8.03 1.43
C ALA A 187 0.12 7.04 2.60
N VAL A 188 -1.05 6.62 3.09
CA VAL A 188 -1.12 5.61 4.14
C VAL A 188 -2.18 4.57 3.78
N THR A 189 -1.80 3.62 2.91
CA THR A 189 -2.79 2.69 2.36
C THR A 189 -3.48 1.88 3.45
N ALA A 190 -2.77 1.59 4.56
CA ALA A 190 -3.35 0.75 5.59
C ALA A 190 -4.60 1.36 6.21
N LEU A 191 -4.75 2.69 6.14
CA LEU A 191 -5.94 3.34 6.69
C LEU A 191 -7.20 2.96 5.92
N HIS A 192 -7.10 2.37 4.76
CA HIS A 192 -8.27 1.85 4.06
C HIS A 192 -8.89 0.68 4.79
N TYR A 193 -8.09 0.06 5.61
CA TYR A 193 -8.70 -0.94 6.47
C TYR A 193 -9.67 -0.27 7.43
N ALA A 194 -9.27 0.89 7.98
CA ALA A 194 -10.16 1.62 8.88
C ALA A 194 -11.45 2.01 8.18
N GLU A 195 -11.34 2.45 6.92
CA GLU A 195 -12.54 2.78 6.16
C GLU A 195 -13.41 1.55 5.92
N ALA A 196 -12.79 0.39 5.66
CA ALA A 196 -13.56 -0.80 5.32
C ALA A 196 -14.45 -1.26 6.47
N VAL A 197 -13.93 -1.20 7.69
CA VAL A 197 -14.61 -1.79 8.85
C VAL A 197 -15.31 -0.75 9.70
N ALA A 198 -15.18 0.54 9.38
CA ALA A 198 -15.79 1.60 10.16
C ALA A 198 -17.30 1.49 10.13
N ARG A 199 -17.91 1.55 11.32
CA ARG A 199 -19.35 1.48 11.51
C ARG A 199 -19.95 2.88 11.37
N ILE A 200 -20.07 3.32 10.12
CA ILE A 200 -20.62 4.63 9.81
C ILE A 200 -21.65 4.46 8.70
N GLU A 201 -22.58 5.40 8.61
CA GLU A 201 -23.63 5.31 7.61
C GLU A 201 -23.17 5.94 6.30
N GLY A 202 -23.78 5.47 5.20
CA GLY A 202 -23.57 6.07 3.90
C GLY A 202 -22.29 5.71 3.19
N LYS A 203 -21.63 4.61 3.55
CA LYS A 203 -20.36 4.29 2.89
C LYS A 203 -20.60 3.94 1.43
N ARG A 204 -19.79 4.52 0.56
CA ARG A 204 -19.86 4.30 -0.88
C ARG A 204 -19.22 2.98 -1.26
N ARG A 205 -19.81 2.34 -2.26
CA ARG A 205 -19.23 1.13 -2.81
C ARG A 205 -19.01 1.36 -4.29
N VAL A 206 -18.12 0.56 -4.87
CA VAL A 206 -17.78 0.65 -6.28
C VAL A 206 -17.83 -0.74 -6.90
N THR A 207 -18.12 -0.77 -8.19
CA THR A 207 -18.10 -1.99 -8.98
C THR A 207 -17.13 -1.84 -10.14
N TYR A 208 -16.24 -2.82 -10.30
CA TYR A 208 -15.29 -2.84 -11.39
C TYR A 208 -14.93 -4.28 -11.69
N SER A 209 -14.18 -4.48 -12.77
CA SER A 209 -13.87 -5.81 -13.26
C SER A 209 -12.36 -5.94 -13.47
N MET A 210 -11.80 -7.09 -13.09
CA MET A 210 -10.38 -7.28 -13.29
C MET A 210 -10.12 -8.60 -14.00
N PRO A 211 -9.12 -8.64 -14.89
CA PRO A 211 -8.79 -9.88 -15.58
C PRO A 211 -7.65 -10.68 -14.94
N LEU A 212 -7.96 -11.83 -14.35
CA LEU A 212 -6.98 -12.64 -13.66
C LEU A 212 -6.61 -13.82 -14.56
N LEU A 213 -5.54 -14.50 -14.19
CA LEU A 213 -5.16 -15.77 -14.81
C LEU A 213 -5.46 -16.89 -13.83
N ARG A 214 -6.35 -17.80 -14.24
CA ARG A 214 -6.67 -18.99 -13.47
C ARG A 214 -6.42 -20.24 -14.31
N GLU A 215 -5.38 -20.98 -13.95
CA GLU A 215 -4.92 -22.14 -14.70
C GLU A 215 -4.63 -21.79 -16.16
N GLY A 216 -3.89 -20.70 -16.36
CA GLY A 216 -3.51 -20.26 -17.68
C GLY A 216 -4.63 -19.71 -18.54
N LYS A 217 -5.87 -19.71 -18.05
CA LYS A 217 -7.00 -19.17 -18.78
C LYS A 217 -7.34 -17.78 -18.28
N ARG A 218 -7.61 -16.87 -19.21
CA ARG A 218 -7.99 -15.51 -18.85
C ARG A 218 -9.46 -15.45 -18.49
N VAL A 219 -9.76 -14.88 -17.32
CA VAL A 219 -11.11 -14.88 -16.77
C VAL A 219 -11.40 -13.50 -16.20
N TRP A 220 -12.47 -12.86 -16.69
CA TRP A 220 -12.91 -11.59 -16.14
C TRP A 220 -13.76 -11.84 -14.89
N VAL A 221 -13.44 -11.18 -13.79
CA VAL A 221 -14.22 -11.26 -12.56
C VAL A 221 -14.69 -9.86 -12.19
N THR A 222 -15.99 -9.72 -11.93
CA THR A 222 -16.57 -8.46 -11.48
C THR A 222 -17.01 -8.58 -10.03
N THR A 223 -16.65 -7.58 -9.23
CA THR A 223 -16.90 -7.59 -7.79
C THR A 223 -17.19 -6.17 -7.35
N SER A 224 -17.68 -6.02 -6.13
CA SER A 224 -17.86 -4.73 -5.50
C SER A 224 -16.95 -4.62 -4.27
N ASP A 225 -16.41 -3.43 -4.06
CA ASP A 225 -15.57 -3.17 -2.89
C ASP A 225 -15.82 -1.74 -2.42
N TRP A 226 -15.21 -1.40 -1.29
CA TRP A 226 -15.29 -0.04 -0.77
C TRP A 226 -14.58 0.92 -1.71
N ASP A 227 -15.14 2.12 -1.88
CA ASP A 227 -14.51 3.16 -2.68
C ASP A 227 -13.23 3.63 -2.00
N SER A 228 -12.08 3.39 -2.60
CA SER A 228 -10.81 3.85 -2.05
C SER A 228 -10.43 5.27 -2.49
N ASN A 229 -11.32 5.98 -3.18
CA ASN A 229 -11.13 7.41 -3.47
C ASN A 229 -12.06 8.29 -2.65
N GLY A 230 -12.36 7.88 -1.42
CA GLY A 230 -13.18 8.64 -0.50
C GLY A 230 -14.32 7.80 0.04
N ILE A 231 -14.29 7.49 1.34
CA ILE A 231 -15.24 6.52 1.86
C ILE A 231 -16.63 7.15 2.04
N LEU A 232 -16.70 8.46 2.27
CA LEU A 232 -17.95 9.21 2.32
C LEU A 232 -17.97 10.30 1.25
N ASP A 233 -19.18 10.75 0.93
CA ASP A 233 -19.35 11.80 -0.07
C ASP A 233 -18.41 12.98 0.16
N GLU A 234 -18.37 13.49 1.39
CA GLU A 234 -17.59 14.69 1.67
C GLU A 234 -16.07 14.46 1.60
N TYR A 235 -15.62 13.21 1.63
CA TYR A 235 -14.20 12.88 1.51
C TYR A 235 -13.77 12.47 0.11
N ALA A 236 -14.67 12.44 -0.87
CA ALA A 236 -14.32 11.85 -2.15
C ALA A 236 -14.20 12.90 -3.25
N ALA A 237 -14.26 14.17 -2.88
CA ALA A 237 -14.03 15.24 -3.84
C ALA A 237 -12.55 15.25 -4.21
N PRO A 238 -12.21 15.31 -5.49
CA PRO A 238 -10.79 15.21 -5.89
C PRO A 238 -9.93 16.44 -5.55
N ASP A 239 -10.52 17.61 -5.24
CA ASP A 239 -9.78 18.85 -4.97
C ASP A 239 -9.63 19.37 -3.53
N GLY A 240 -9.84 18.61 -2.45
CA GLY A 240 -10.18 17.21 -2.37
C GLY A 240 -9.39 16.32 -1.42
N PRO A 241 -9.14 16.74 -0.17
CA PRO A 241 -8.40 15.85 0.73
C PRO A 241 -9.29 14.67 1.08
N ASP A 242 -8.68 13.51 1.23
CA ASP A 242 -9.41 12.30 1.59
C ASP A 242 -9.44 12.06 3.10
N ALA A 243 -10.12 10.97 3.49
CA ALA A 243 -10.28 10.67 4.91
C ALA A 243 -8.94 10.21 5.51
N VAL A 244 -8.16 9.47 4.71
CA VAL A 244 -6.85 8.99 5.12
C VAL A 244 -5.96 10.17 5.52
N GLU A 245 -5.87 11.19 4.65
CA GLU A 245 -5.04 12.35 4.94
C GLU A 245 -5.51 13.06 6.20
N ARG A 246 -6.82 13.16 6.40
CA ARG A 246 -7.32 13.87 7.58
C ARG A 246 -7.09 13.05 8.84
N ILE A 247 -7.22 11.72 8.75
CA ILE A 247 -6.97 10.87 9.91
C ILE A 247 -5.50 10.86 10.27
N ALA A 248 -4.63 10.65 9.28
CA ALA A 248 -3.20 10.54 9.55
C ALA A 248 -2.62 11.83 10.14
N ARG A 249 -3.01 12.98 9.59
CA ARG A 249 -2.56 14.26 10.13
C ARG A 249 -3.04 14.48 11.57
N ASP A 250 -4.28 14.11 11.87
CA ASP A 250 -4.79 14.24 13.23
C ASP A 250 -4.05 13.31 14.17
N TYR A 251 -3.73 12.10 13.69
CA TYR A 251 -2.98 11.13 14.49
C TYR A 251 -1.57 11.62 14.79
N LEU A 252 -0.86 12.11 13.78
CA LEU A 252 0.50 12.57 14.00
C LEU A 252 0.54 13.81 14.90
N ALA A 253 -0.53 14.60 14.93
CA ALA A 253 -0.62 15.73 15.85
C ALA A 253 -0.76 15.30 17.31
N ARG A 254 -1.14 14.05 17.57
CA ARG A 254 -1.53 13.61 18.90
C ARG A 254 -0.64 12.52 19.48
N THR A 255 0.23 11.94 18.67
CA THR A 255 0.91 10.69 18.97
C THR A 255 2.41 10.91 18.85
N ARG A 256 3.19 10.35 19.77
CA ARG A 256 4.63 10.39 19.62
C ARG A 256 5.05 9.35 18.57
N VAL A 257 5.70 9.84 17.52
CA VAL A 257 6.13 9.01 16.39
C VAL A 257 7.58 9.36 16.08
N ALA A 258 8.41 8.34 15.91
CA ALA A 258 9.83 8.53 15.62
C ALA A 258 10.03 9.28 14.31
N GLN A 259 10.80 10.36 14.34
CA GLN A 259 11.01 11.23 13.20
C GLN A 259 12.49 11.56 13.06
N GLY A 260 12.93 11.65 11.80
CA GLY A 260 14.32 11.88 11.47
C GLY A 260 14.54 11.66 9.99
N PRO A 261 15.75 11.91 9.52
CA PRO A 261 16.00 11.85 8.08
C PRO A 261 16.25 10.43 7.58
N VAL A 262 15.79 10.19 6.35
CA VAL A 262 16.23 9.08 5.52
C VAL A 262 16.61 9.70 4.17
N GLY A 263 17.88 9.63 3.82
CA GLY A 263 18.37 10.51 2.77
C GLY A 263 18.09 11.96 3.13
N GLY A 264 17.59 12.71 2.15
CA GLY A 264 17.16 14.07 2.37
C GLY A 264 15.71 14.23 2.78
N ALA A 265 15.01 13.12 3.02
CA ALA A 265 13.57 13.13 3.25
C ALA A 265 13.25 13.02 4.74
N GLN A 266 12.35 13.87 5.21
CA GLN A 266 11.82 13.75 6.56
C GLN A 266 10.95 12.50 6.62
N SER A 267 11.17 11.66 7.63
CA SER A 267 10.56 10.33 7.65
C SER A 267 9.86 10.07 8.97
N ARG A 268 8.92 9.11 8.93
CA ARG A 268 8.13 8.72 10.08
C ARG A 268 8.02 7.21 10.16
N LEU A 269 8.10 6.67 11.37
CA LEU A 269 7.92 5.24 11.60
C LEU A 269 6.68 5.07 12.48
N ILE A 270 5.60 4.58 11.88
CA ILE A 270 4.27 4.62 12.48
C ILE A 270 3.86 3.21 12.85
N ASP A 271 3.26 3.06 14.04
CA ASP A 271 2.71 1.78 14.47
C ASP A 271 1.40 1.55 13.72
N ALA A 272 1.38 0.54 12.84
CA ALA A 272 0.26 0.40 11.91
C ALA A 272 -1.02 0.05 12.63
N ALA A 273 -0.96 -0.89 13.58
CA ALA A 273 -2.15 -1.24 14.37
C ALA A 273 -2.71 -0.04 15.12
N ASP A 274 -1.83 0.82 15.65
CA ASP A 274 -2.29 1.95 16.45
C ASP A 274 -2.98 3.00 15.61
N ILE A 275 -2.42 3.33 14.44
CA ILE A 275 -3.02 4.37 13.60
C ILE A 275 -4.33 3.90 12.98
N VAL A 276 -4.44 2.61 12.65
CA VAL A 276 -5.69 2.09 12.12
C VAL A 276 -6.76 2.08 13.20
N SER A 277 -6.39 1.67 14.42
CA SER A 277 -7.32 1.72 15.54
C SER A 277 -7.76 3.15 15.81
N PHE A 278 -6.82 4.08 15.80
CA PHE A 278 -7.15 5.51 15.86
C PHE A 278 -8.13 5.89 14.77
N GLY A 279 -7.90 5.41 13.55
CA GLY A 279 -8.75 5.79 12.43
C GLY A 279 -10.17 5.30 12.59
N ILE A 280 -10.36 4.10 13.14
CA ILE A 280 -11.72 3.60 13.37
C ILE A 280 -12.46 4.49 14.34
N GLU A 281 -11.82 4.83 15.46
CA GLU A 281 -12.44 5.73 16.44
C GLU A 281 -12.72 7.10 15.81
N TRP A 282 -11.78 7.61 15.02
CA TRP A 282 -11.92 8.93 14.41
C TRP A 282 -13.13 9.00 13.50
N LEU A 283 -13.31 7.99 12.64
CA LEU A 283 -14.44 8.00 11.70
C LEU A 283 -15.76 7.80 12.42
N GLU A 284 -15.81 6.86 13.36
CA GLU A 284 -17.07 6.54 14.04
C GLU A 284 -17.53 7.65 14.96
N ALA A 285 -16.61 8.46 15.48
CA ALA A 285 -17.00 9.59 16.33
C ALA A 285 -17.67 10.70 15.53
N ARG A 286 -17.38 10.80 14.24
CA ARG A 286 -17.83 11.90 13.39
C ARG A 286 -19.07 11.56 12.58
N HIS A 287 -19.36 10.28 12.42
CA HIS A 287 -20.44 9.77 11.59
C HIS A 287 -21.19 8.75 12.44
N ALA A 288 -22.52 8.79 12.40
CA ALA A 288 -23.30 7.89 13.23
C ALA A 288 -23.10 6.43 12.81
N ALA A 289 -23.36 5.55 13.77
CA ALA A 289 -23.24 4.11 13.57
C ALA A 289 -24.39 3.54 12.75
C13 DVM B . -7.57 3.45 -7.65
N21 DVM B . -3.85 8.39 -5.35
C22 DVM B . -6.15 3.45 -3.23
C23 DVM B . -7.14 2.42 -8.69
C42 DVM B . -5.74 5.84 -3.90
C DVM B . -4.09 5.43 -0.90
O DVM B . -4.15 5.61 0.33
CH3 DVM B . -2.85 5.73 -1.70
C11 DVM B . -5.56 8.16 -3.82
C12 DVM B . -6.20 3.05 -4.74
C21 DVM B . -4.81 9.08 -4.39
C31 DVM B . -3.95 10.00 -3.30
C32 DVM B . -5.22 4.69 -2.98
C33 DVM B . -6.00 3.00 -9.46
C41 DVM B . -4.78 10.67 -2.48
C43 DVM B . -6.38 4.26 -10.17
C51 DVM B . -6.12 9.88 -2.37
C52 DVM B . -5.87 5.42 -5.40
C53 DVM B . -7.13 5.27 -9.27
C61 DVM B . -7.45 10.55 -2.37
C62 DVM B . -6.66 4.16 -5.60
C83 DVM B . -5.08 4.96 -10.67
C93 DVM B . -4.16 1.54 -10.13
N12 DVM B . -7.11 1.90 -4.88
N32 DVM B . -5.26 4.92 -1.57
N33 DVM B . -5.52 1.97 -10.48
N61 DVM B . -8.52 9.52 -2.38
O11 DVM B . -4.83 6.89 -3.80
O23 DVM B . -6.70 1.25 -8.00
O43 DVM B . -7.19 3.92 -11.29
O51 DVM B . -6.02 8.49 -2.33
O52 DVM B . -6.50 6.44 -6.14
O53 DVM B . -8.12 4.66 -8.32
O62 DVM B . -6.43 3.77 -7.00
MG MG C . 9.08 -14.14 11.25
#